data_7U1C
#
_entry.id   7U1C
#
_cell.length_a   111.253
_cell.length_b   111.253
_cell.length_c   56.872
_cell.angle_alpha   90.000
_cell.angle_beta   90.000
_cell.angle_gamma   90.000
#
_symmetry.space_group_name_H-M   'P 41'
#
loop_
_entity.id
_entity.type
_entity.pdbx_description
1 polymer 'Beta-lactamase domain-containing protein'
2 non-polymer 'SULFATE ION'
3 non-polymer 'SODIUM ION'
4 non-polymer 2-AMINO-2-HYDROXYMETHYL-PROPANE-1,3-DIOL
5 water water
#
_entity_poly.entity_id   1
_entity_poly.type   'polypeptide(L)'
_entity_poly.pdbx_seq_one_letter_code
;MRIGRSRRRALSLLAGVFGCAAVAATPALALPKGKPEEGGFSAERLKRLDDHMQTMVDRGQIAGGVTVLARHGRVVQARA
FGRRVLGGDPMPMDAIFRIRSETKPVTGVAMMMLYEQGLWRLDDPVSLHIPEFANLRVAKGVDETGQPILTPVSRSPTMR
ELMTHTAGFAYGLANDPSSPADQAYYRAEVLQSASLTDLVQKVSGLPMFAEPGQLWRYSVAADIQGYIVEKLSGQSLPVF
MQERIFTPLGMKDTAFYVPEEKQARLAALYDGDPATGQLVPAVEGAWRDVSKPPAAPLGGGGLVSTAGDFARFAQMILNK
GELDGVRILKPETVALMTQNHLPEGFVVTTNGTAGVLAPAARPFPFAAGMGYGIDMAVAVDPAASGAPVGPGTVSWGGSA
GTWFWIDPANNLFFVGMIQRLGGVGPGLDAQSRTLVYQALERPPMPPVQVSAKAPVRPTVSRKLAAALE
;
_entity_poly.pdbx_strand_id   A
#
loop_
_chem_comp.id
_chem_comp.type
_chem_comp.name
_chem_comp.formula
NA non-polymer 'SODIUM ION' 'Na 1'
SO4 non-polymer 'SULFATE ION' 'O4 S -2'
TRS non-polymer 2-AMINO-2-HYDROXYMETHYL-PROPANE-1,3-DIOL 'C4 H12 N O3 1'
#
# COMPACT_ATOMS: atom_id res chain seq x y z
N ALA A 30 15.51 -12.52 -8.81
CA ALA A 30 16.37 -12.67 -7.62
C ALA A 30 15.54 -13.22 -6.45
N LEU A 31 14.98 -14.39 -6.70
CA LEU A 31 14.36 -15.37 -5.76
C LEU A 31 14.51 -16.68 -6.53
N PRO A 32 14.73 -17.84 -5.90
CA PRO A 32 14.85 -19.10 -6.62
C PRO A 32 13.62 -19.44 -7.50
N LYS A 33 13.86 -19.85 -8.74
CA LYS A 33 12.81 -20.30 -9.71
C LYS A 33 12.51 -21.80 -9.49
N GLY A 34 11.27 -22.20 -9.75
CA GLY A 34 10.77 -23.58 -9.57
C GLY A 34 9.71 -23.94 -10.61
N LYS A 35 9.50 -25.23 -10.84
CA LYS A 35 8.32 -25.73 -11.60
C LYS A 35 7.07 -25.41 -10.79
N PRO A 36 5.91 -25.21 -11.43
CA PRO A 36 4.65 -25.05 -10.72
C PRO A 36 4.37 -26.20 -9.72
N GLU A 37 4.74 -27.43 -10.11
CA GLU A 37 4.38 -28.62 -9.30
C GLU A 37 5.20 -28.55 -8.01
N GLU A 38 6.39 -27.97 -8.02
CA GLU A 38 7.18 -27.77 -6.78
C GLU A 38 6.45 -26.89 -5.78
N GLY A 39 5.62 -25.94 -6.26
CA GLY A 39 4.81 -25.11 -5.34
C GLY A 39 3.43 -25.70 -5.10
N GLY A 40 3.13 -26.87 -5.66
CA GLY A 40 1.81 -27.49 -5.49
C GLY A 40 0.77 -27.03 -6.49
N PHE A 41 1.17 -26.48 -7.63
CA PHE A 41 0.25 -25.95 -8.66
C PHE A 41 0.18 -26.86 -9.89
N SER A 42 -1.04 -27.04 -10.42
CA SER A 42 -1.33 -27.41 -11.82
C SER A 42 -0.77 -26.40 -12.83
N ALA A 43 0.16 -26.83 -13.72
CA ALA A 43 0.73 -26.03 -14.81
C ALA A 43 -0.40 -25.58 -15.74
N GLU A 44 -1.32 -26.49 -16.03
CA GLU A 44 -2.40 -26.24 -17.01
C GLU A 44 -3.33 -25.15 -16.45
N ARG A 45 -3.74 -25.24 -15.19
CA ARG A 45 -4.71 -24.30 -14.58
C ARG A 45 -4.03 -22.94 -14.32
N LEU A 46 -2.73 -22.92 -14.04
CA LEU A 46 -1.94 -21.66 -13.89
C LEU A 46 -1.93 -20.89 -15.20
N LYS A 47 -1.91 -21.61 -16.33
CA LYS A 47 -1.91 -20.98 -17.68
C LYS A 47 -3.16 -20.10 -17.85
N ARG A 48 -4.29 -20.42 -17.21
CA ARG A 48 -5.54 -19.61 -17.29
C ARG A 48 -5.29 -18.19 -16.73
N LEU A 49 -4.36 -18.02 -15.79
CA LEU A 49 -3.93 -16.69 -15.28
C LEU A 49 -3.15 -15.94 -16.36
N ASP A 50 -2.19 -16.59 -17.02
CA ASP A 50 -1.43 -16.03 -18.17
C ASP A 50 -2.42 -15.55 -19.23
N ASP A 51 -3.37 -16.41 -19.58
CA ASP A 51 -4.34 -16.15 -20.68
C ASP A 51 -5.12 -14.88 -20.31
N HIS A 52 -5.53 -14.75 -19.04
CA HIS A 52 -6.40 -13.64 -18.58
C HIS A 52 -5.65 -12.31 -18.69
N MET A 53 -4.39 -12.29 -18.29
CA MET A 53 -3.55 -11.08 -18.39
C MET A 53 -3.40 -10.66 -19.86
N GLN A 54 -3.12 -11.63 -20.72
CA GLN A 54 -2.95 -11.41 -22.20
C GLN A 54 -4.26 -10.86 -22.80
N THR A 55 -5.41 -11.40 -22.41
CA THR A 55 -6.75 -10.89 -22.82
C THR A 55 -6.92 -9.41 -22.43
N MET A 56 -6.35 -8.98 -21.31
CA MET A 56 -6.57 -7.59 -20.80
C MET A 56 -5.72 -6.66 -21.68
N VAL A 57 -4.59 -7.13 -22.18
CA VAL A 57 -3.73 -6.35 -23.13
C VAL A 57 -4.42 -6.28 -24.50
N ASP A 58 -4.91 -7.41 -24.99
CA ASP A 58 -5.55 -7.55 -26.32
C ASP A 58 -6.81 -6.67 -26.38
N ARG A 59 -7.60 -6.63 -25.30
CA ARG A 59 -8.86 -5.83 -25.25
C ARG A 59 -8.60 -4.39 -24.79
N GLY A 60 -7.35 -3.96 -24.75
CA GLY A 60 -7.01 -2.56 -24.39
C GLY A 60 -7.46 -2.10 -23.00
N GLN A 61 -7.38 -2.96 -21.99
CA GLN A 61 -7.72 -2.58 -20.60
C GLN A 61 -6.43 -2.09 -19.91
N ILE A 62 -5.28 -2.67 -20.26
CA ILE A 62 -3.93 -2.25 -19.76
C ILE A 62 -2.96 -2.20 -20.94
N ALA A 63 -1.91 -1.42 -20.84
CA ALA A 63 -0.79 -1.45 -21.81
C ALA A 63 0.02 -2.75 -21.62
N GLY A 64 0.19 -3.15 -20.37
CA GLY A 64 1.07 -4.26 -19.96
C GLY A 64 1.16 -4.40 -18.45
N GLY A 65 1.94 -5.36 -17.99
CA GLY A 65 2.11 -5.62 -16.55
C GLY A 65 3.08 -6.76 -16.33
N VAL A 66 3.30 -7.03 -15.04
CA VAL A 66 4.25 -8.03 -14.53
C VAL A 66 3.59 -8.67 -13.33
N THR A 67 3.66 -9.99 -13.23
CA THR A 67 3.07 -10.80 -12.13
C THR A 67 4.12 -11.75 -11.58
N VAL A 68 4.14 -11.95 -10.27
CA VAL A 68 5.03 -12.94 -9.61
C VAL A 68 4.16 -13.72 -8.65
N LEU A 69 4.17 -15.04 -8.77
CA LEU A 69 3.52 -15.95 -7.78
C LEU A 69 4.61 -16.82 -7.17
N ALA A 70 4.66 -16.91 -5.85
CA ALA A 70 5.70 -17.70 -5.17
C ALA A 70 5.06 -18.53 -4.08
N ARG A 71 5.54 -19.77 -3.87
CA ARG A 71 5.11 -20.64 -2.73
C ARG A 71 6.34 -21.36 -2.16
N HIS A 72 6.49 -21.42 -0.84
CA HIS A 72 7.61 -22.12 -0.14
C HIS A 72 8.96 -21.49 -0.50
N GLY A 73 8.98 -20.20 -0.80
CA GLY A 73 10.19 -19.42 -1.07
C GLY A 73 10.72 -19.60 -2.49
N ARG A 74 9.94 -20.20 -3.38
CA ARG A 74 10.32 -20.38 -4.80
C ARG A 74 9.28 -19.71 -5.71
N VAL A 75 9.76 -19.03 -6.74
CA VAL A 75 8.91 -18.44 -7.80
C VAL A 75 8.27 -19.58 -8.60
N VAL A 76 6.96 -19.63 -8.71
CA VAL A 76 6.28 -20.68 -9.51
C VAL A 76 5.88 -20.09 -10.87
N GLN A 77 5.61 -18.79 -10.94
CA GLN A 77 5.25 -18.08 -12.20
C GLN A 77 5.74 -16.63 -12.07
N ALA A 78 6.47 -16.15 -13.07
CA ALA A 78 6.86 -14.74 -13.24
C ALA A 78 6.82 -14.42 -14.72
N ARG A 79 6.02 -13.43 -15.09
CA ARG A 79 5.59 -13.16 -16.47
C ARG A 79 5.46 -11.64 -16.65
N ALA A 80 6.01 -11.12 -17.73
CA ALA A 80 5.74 -9.76 -18.24
C ALA A 80 4.83 -9.88 -19.46
N PHE A 81 3.89 -8.94 -19.63
CA PHE A 81 2.82 -8.94 -20.65
C PHE A 81 2.70 -7.55 -21.29
N GLY A 82 2.33 -7.48 -22.58
CA GLY A 82 2.12 -6.21 -23.31
C GLY A 82 3.35 -5.32 -23.33
N ARG A 83 3.11 -4.02 -23.29
CA ARG A 83 4.21 -3.05 -23.46
C ARG A 83 4.37 -2.07 -22.30
N ARG A 84 5.58 -1.56 -22.11
CA ARG A 84 5.87 -0.57 -21.05
C ARG A 84 5.12 0.72 -21.36
N VAL A 85 5.14 1.15 -22.62
CA VAL A 85 4.40 2.35 -23.09
C VAL A 85 3.63 1.93 -24.34
N LEU A 86 2.43 2.48 -24.56
CA LEU A 86 1.64 2.14 -25.77
C LEU A 86 2.47 2.38 -27.04
N GLY A 87 2.34 1.47 -28.01
CA GLY A 87 3.07 1.46 -29.29
C GLY A 87 4.57 1.55 -29.07
N GLY A 88 5.07 0.94 -28.00
CA GLY A 88 6.47 1.06 -27.56
C GLY A 88 7.07 -0.29 -27.27
N ASP A 89 8.23 -0.32 -26.59
CA ASP A 89 8.99 -1.56 -26.25
C ASP A 89 8.10 -2.46 -25.41
N PRO A 90 8.40 -3.77 -25.36
CA PRO A 90 7.62 -4.70 -24.57
C PRO A 90 7.91 -4.44 -23.08
N MET A 91 6.97 -4.80 -22.20
CA MET A 91 7.12 -4.66 -20.72
C MET A 91 8.28 -5.55 -20.29
N PRO A 92 9.38 -5.00 -19.77
CA PRO A 92 10.45 -5.80 -19.20
C PRO A 92 10.03 -6.26 -17.79
N MET A 93 10.64 -7.35 -17.32
CA MET A 93 10.30 -7.91 -15.98
C MET A 93 10.80 -6.98 -14.88
N ASP A 94 11.79 -6.15 -15.18
CA ASP A 94 12.40 -5.22 -14.19
C ASP A 94 11.81 -3.82 -14.38
N ALA A 95 10.64 -3.75 -14.99
CA ALA A 95 9.94 -2.46 -15.14
C ALA A 95 9.64 -1.84 -13.77
N ILE A 96 9.69 -0.52 -13.70
CA ILE A 96 9.46 0.21 -12.42
C ILE A 96 8.02 0.74 -12.41
N PHE A 97 7.33 0.58 -11.28
CA PHE A 97 5.91 0.96 -11.19
C PHE A 97 5.64 1.82 -9.96
N ARG A 98 4.72 2.79 -10.06
CA ARG A 98 4.29 3.60 -8.90
C ARG A 98 3.33 2.71 -8.11
N ILE A 99 3.72 2.32 -6.90
CA ILE A 99 2.90 1.37 -6.09
C ILE A 99 1.86 2.13 -5.27
N ARG A 100 2.04 3.44 -5.11
CA ARG A 100 1.03 4.29 -4.41
C ARG A 100 0.73 3.77 -3.00
N SER A 101 -0.54 3.55 -2.66
CA SER A 101 -0.91 3.14 -1.28
C SER A 101 -0.22 1.83 -0.85
N GLU A 102 0.27 1.02 -1.79
CA GLU A 102 1.03 -0.22 -1.47
C GLU A 102 2.36 0.15 -0.77
N THR A 103 2.77 1.42 -0.84
CA THR A 103 3.96 1.92 -0.08
C THR A 103 3.68 1.73 1.40
N LYS A 104 2.42 1.91 1.79
CA LYS A 104 1.98 1.84 3.19
C LYS A 104 2.62 0.73 4.09
N PRO A 105 2.49 -0.57 3.77
CA PRO A 105 3.09 -1.67 4.57
C PRO A 105 4.62 -1.57 4.70
N VAL A 106 5.29 -0.94 3.73
CA VAL A 106 6.77 -0.69 3.81
C VAL A 106 7.06 0.34 4.91
N THR A 107 6.31 1.44 4.96
CA THR A 107 6.35 2.40 6.08
C THR A 107 6.02 1.69 7.41
N GLY A 108 5.04 0.81 7.42
CA GLY A 108 4.71 0.04 8.64
C GLY A 108 5.93 -0.77 9.14
N VAL A 109 6.66 -1.41 8.21
CA VAL A 109 7.89 -2.16 8.58
C VAL A 109 8.92 -1.17 9.17
N ALA A 110 9.04 0.02 8.59
CA ALA A 110 9.97 1.04 9.12
C ALA A 110 9.59 1.43 10.55
N MET A 111 8.32 1.63 10.81
CA MET A 111 7.84 2.02 12.16
C MET A 111 8.11 0.89 13.15
N MET A 112 7.90 -0.35 12.74
CA MET A 112 8.08 -1.50 13.65
C MET A 112 9.57 -1.69 13.99
N MET A 113 10.48 -1.26 13.12
CA MET A 113 11.93 -1.30 13.47
C MET A 113 12.16 -0.32 14.60
N LEU A 114 11.55 0.87 14.54
CA LEU A 114 11.71 1.85 15.63
C LEU A 114 10.98 1.36 16.89
N TYR A 115 9.94 0.55 16.73
CA TYR A 115 9.23 -0.09 17.86
C TYR A 115 10.16 -1.05 18.62
N GLU A 116 10.90 -1.88 17.89
CA GLU A 116 11.87 -2.86 18.47
C GLU A 116 13.01 -2.13 19.20
N GLN A 117 13.38 -0.93 18.75
CA GLN A 117 14.38 -0.06 19.38
C GLN A 117 13.77 0.65 20.60
N GLY A 118 12.50 0.47 20.92
CA GLY A 118 11.89 1.05 22.14
C GLY A 118 11.51 2.51 21.96
N LEU A 119 11.42 3.01 20.73
CA LEU A 119 11.22 4.47 20.55
C LEU A 119 9.75 4.90 20.58
N TRP A 120 8.83 3.97 20.37
CA TRP A 120 7.39 4.30 20.49
C TRP A 120 6.62 3.06 20.94
N ARG A 121 5.43 3.26 21.51
CA ARG A 121 4.58 2.14 21.93
C ARG A 121 3.19 2.32 21.32
N LEU A 122 2.45 1.24 21.09
CA LEU A 122 1.11 1.30 20.47
C LEU A 122 0.12 2.06 21.36
N ASP A 123 0.33 2.04 22.67
CA ASP A 123 -0.58 2.72 23.64
C ASP A 123 -0.17 4.19 23.85
N ASP A 124 0.92 4.61 23.25
CA ASP A 124 1.37 6.02 23.37
C ASP A 124 0.42 6.97 22.66
N PRO A 125 0.18 8.18 23.22
CA PRO A 125 -0.58 9.18 22.51
C PRO A 125 0.29 9.65 21.33
N VAL A 126 -0.32 9.95 20.20
CA VAL A 126 0.48 10.50 19.06
C VAL A 126 1.06 11.85 19.48
N SER A 127 0.39 12.57 20.39
CA SER A 127 0.83 13.91 20.87
C SER A 127 2.19 13.85 21.56
N LEU A 128 2.54 12.73 22.19
CA LEU A 128 3.89 12.59 22.78
C LEU A 128 4.93 12.73 21.66
N HIS A 129 4.73 12.04 20.54
CA HIS A 129 5.62 12.13 19.36
C HIS A 129 5.42 13.42 18.56
N ILE A 130 4.18 13.88 18.37
CA ILE A 130 3.85 15.12 17.60
C ILE A 130 3.16 16.11 18.56
N PRO A 131 3.87 16.99 19.33
CA PRO A 131 3.25 17.86 20.34
C PRO A 131 2.18 18.83 19.83
N GLU A 132 2.34 19.31 18.60
CA GLU A 132 1.34 20.16 17.91
C GLU A 132 -0.04 19.49 17.87
N PHE A 133 -0.13 18.16 17.97
CA PHE A 133 -1.43 17.42 17.93
C PHE A 133 -2.24 17.59 19.23
N ALA A 134 -1.68 18.26 20.23
CA ALA A 134 -2.43 18.83 21.38
C ALA A 134 -3.53 19.79 20.88
N ASN A 135 -3.35 20.45 19.73
CA ASN A 135 -4.27 21.45 19.16
C ASN A 135 -5.33 20.85 18.22
N LEU A 136 -5.46 19.52 18.13
CA LEU A 136 -6.41 18.88 17.17
C LEU A 136 -7.85 19.25 17.52
N ARG A 137 -8.65 19.53 16.50
CA ARG A 137 -10.11 19.74 16.60
C ARG A 137 -10.84 18.86 15.62
N VAL A 138 -12.07 18.53 15.96
CA VAL A 138 -12.92 17.63 15.16
C VAL A 138 -14.08 18.42 14.58
N ALA A 139 -14.45 18.08 13.35
CA ALA A 139 -15.61 18.67 12.65
C ALA A 139 -16.89 17.95 13.05
N LYS A 140 -17.81 18.67 13.72
CA LYS A 140 -19.06 18.15 14.35
C LYS A 140 -20.19 18.14 13.32
N GLY A 141 -20.74 19.31 12.97
CA GLY A 141 -21.60 19.57 11.78
C GLY A 141 -21.01 20.65 10.87
N VAL A 142 -21.82 21.25 9.99
CA VAL A 142 -21.54 22.58 9.34
C VAL A 142 -22.54 23.60 9.90
N ASP A 143 -22.15 24.87 10.13
CA ASP A 143 -23.12 25.95 10.48
C ASP A 143 -23.84 26.42 9.21
N GLU A 144 -24.73 27.41 9.38
CA GLU A 144 -25.59 27.99 8.31
C GLU A 144 -24.72 28.59 7.21
N THR A 145 -23.48 28.99 7.56
CA THR A 145 -22.52 29.62 6.64
C THR A 145 -21.54 28.61 6.03
N GLY A 146 -21.89 27.33 5.99
CA GLY A 146 -21.12 26.24 5.35
C GLY A 146 -19.83 25.83 6.07
N GLN A 147 -19.51 26.43 7.23
CA GLN A 147 -18.22 26.19 7.95
C GLN A 147 -18.41 25.10 9.01
N PRO A 148 -17.43 24.20 9.21
CA PRO A 148 -17.60 23.13 10.18
C PRO A 148 -17.67 23.73 11.59
N ILE A 149 -18.46 23.12 12.45
CA ILE A 149 -18.44 23.40 13.91
C ILE A 149 -17.27 22.59 14.51
N LEU A 150 -16.31 23.26 15.15
CA LEU A 150 -15.02 22.67 15.61
C LEU A 150 -14.99 22.61 17.14
N THR A 151 -14.54 21.47 17.62
CA THR A 151 -14.49 21.12 19.06
C THR A 151 -13.13 20.53 19.34
N PRO A 152 -12.46 20.86 20.48
CA PRO A 152 -11.21 20.20 20.81
C PRO A 152 -11.46 18.68 20.83
N VAL A 153 -10.47 17.92 20.36
CA VAL A 153 -10.58 16.44 20.33
C VAL A 153 -10.73 15.91 21.76
N SER A 154 -11.53 14.87 21.92
CA SER A 154 -11.73 14.22 23.24
C SER A 154 -10.36 13.92 23.83
N ARG A 155 -9.50 13.29 23.04
CA ARG A 155 -8.15 12.90 23.50
C ARG A 155 -7.26 12.74 22.27
N SER A 156 -5.95 12.74 22.46
CA SER A 156 -5.05 12.46 21.32
C SER A 156 -5.30 11.06 20.79
N PRO A 157 -5.24 10.86 19.46
CA PRO A 157 -5.29 9.52 18.92
C PRO A 157 -4.08 8.71 19.42
N THR A 158 -4.25 7.41 19.55
CA THR A 158 -3.13 6.51 19.94
C THR A 158 -2.30 6.13 18.72
N MET A 159 -1.08 5.64 18.96
CA MET A 159 -0.21 5.16 17.87
C MET A 159 -0.85 3.96 17.15
N ARG A 160 -1.50 3.06 17.88
CA ARG A 160 -2.21 1.93 17.24
C ARG A 160 -3.31 2.44 16.30
N GLU A 161 -4.06 3.47 16.71
CA GLU A 161 -5.10 4.07 15.85
C GLU A 161 -4.46 4.66 14.58
N LEU A 162 -3.31 5.31 14.70
CA LEU A 162 -2.57 5.86 13.54
C LEU A 162 -2.13 4.73 12.60
N MET A 163 -1.68 3.61 13.15
CA MET A 163 -1.22 2.44 12.35
C MET A 163 -2.41 1.72 11.71
N THR A 164 -3.62 1.97 12.18
CA THR A 164 -4.81 1.19 11.72
C THR A 164 -5.86 2.05 11.01
N HIS A 165 -5.57 3.31 10.70
CA HIS A 165 -6.55 4.24 10.07
C HIS A 165 -7.81 4.39 10.94
N THR A 166 -7.66 4.34 12.26
CA THR A 166 -8.83 4.54 13.17
C THR A 166 -8.55 5.79 14.02
N ALA A 167 -7.64 6.68 13.60
CA ALA A 167 -7.23 7.83 14.42
C ALA A 167 -8.14 9.04 14.19
N GLY A 168 -9.04 8.99 13.23
CA GLY A 168 -9.99 10.07 12.93
C GLY A 168 -9.48 11.09 11.95
N PHE A 169 -8.28 10.92 11.38
CA PHE A 169 -7.74 11.87 10.36
C PHE A 169 -8.56 11.77 9.10
N ALA A 170 -8.58 12.88 8.36
CA ALA A 170 -9.31 12.95 7.07
C ALA A 170 -8.42 12.42 5.94
N TYR A 171 -8.99 12.37 4.73
CA TYR A 171 -8.39 11.97 3.45
C TYR A 171 -7.91 13.21 2.69
N GLY A 172 -6.88 13.10 1.86
CA GLY A 172 -6.27 14.31 1.25
C GLY A 172 -6.47 14.51 -0.24
N LEU A 173 -7.25 13.69 -0.91
CA LEU A 173 -7.40 13.77 -2.39
C LEU A 173 -8.85 14.02 -2.82
N ALA A 174 -9.71 14.46 -1.91
CA ALA A 174 -11.13 14.63 -2.27
C ALA A 174 -11.70 16.02 -2.00
N ASN A 175 -12.28 16.67 -3.01
CA ASN A 175 -13.01 17.94 -2.80
C ASN A 175 -14.43 17.58 -2.48
N ASP A 176 -14.70 17.13 -1.27
CA ASP A 176 -16.08 16.70 -0.97
C ASP A 176 -16.72 17.75 -0.08
N PRO A 177 -17.68 18.55 -0.57
CA PRO A 177 -18.40 19.50 0.29
C PRO A 177 -19.15 18.68 1.35
N SER A 178 -19.56 17.46 1.02
CA SER A 178 -20.22 16.54 1.97
C SER A 178 -19.28 16.23 3.15
N SER A 179 -17.98 16.08 2.91
CA SER A 179 -17.03 15.89 4.04
C SER A 179 -16.18 17.15 4.21
N PRO A 180 -16.51 18.03 5.16
CA PRO A 180 -15.76 19.26 5.37
C PRO A 180 -14.28 19.04 5.70
N ALA A 181 -13.98 18.00 6.47
CA ALA A 181 -12.58 17.71 6.85
C ALA A 181 -11.76 17.36 5.62
N ASP A 182 -12.30 16.55 4.72
CA ASP A 182 -11.60 16.19 3.46
C ASP A 182 -11.40 17.44 2.60
N GLN A 183 -12.42 18.29 2.49
CA GLN A 183 -12.36 19.51 1.66
C GLN A 183 -11.27 20.43 2.20
N ALA A 184 -11.18 20.54 3.51
CA ALA A 184 -10.15 21.37 4.15
C ALA A 184 -8.75 20.82 3.86
N TYR A 185 -8.59 19.49 3.91
CA TYR A 185 -7.26 18.90 3.68
C TYR A 185 -6.86 19.23 2.21
N TYR A 186 -7.79 19.02 1.28
CA TYR A 186 -7.60 19.26 -0.17
C TYR A 186 -7.24 20.74 -0.41
N ARG A 187 -7.99 21.65 0.19
CA ARG A 187 -7.78 23.12 0.09
C ARG A 187 -6.43 23.52 0.67
N ALA A 188 -6.05 22.99 1.83
CA ALA A 188 -4.76 23.29 2.47
C ALA A 188 -3.61 22.62 1.70
N GLU A 189 -3.88 21.71 0.76
CA GLU A 189 -2.81 21.03 -0.04
C GLU A 189 -1.89 20.26 0.92
N VAL A 190 -2.48 19.48 1.82
CA VAL A 190 -1.72 18.67 2.83
C VAL A 190 -0.65 17.79 2.13
N LEU A 191 -1.05 17.06 1.12
CA LEU A 191 -0.18 16.07 0.44
C LEU A 191 0.83 16.77 -0.49
N GLN A 192 0.68 18.06 -0.81
CA GLN A 192 1.71 18.79 -1.63
C GLN A 192 2.41 19.88 -0.80
N SER A 193 2.77 19.57 0.45
CA SER A 193 3.47 20.44 1.43
C SER A 193 4.97 20.52 1.11
N ALA A 194 5.66 21.51 1.64
CA ALA A 194 7.10 21.76 1.35
C ALA A 194 7.97 20.77 2.12
N SER A 195 7.44 20.12 3.14
CA SER A 195 8.20 19.16 3.96
C SER A 195 7.23 18.29 4.77
N LEU A 196 7.70 17.25 5.44
CA LEU A 196 6.81 16.44 6.33
C LEU A 196 6.47 17.25 7.58
N THR A 197 7.36 18.16 7.99
CA THR A 197 7.13 19.11 9.12
C THR A 197 5.95 20.00 8.77
N ASP A 198 5.95 20.55 7.58
CA ASP A 198 4.81 21.37 7.05
C ASP A 198 3.53 20.51 7.06
N LEU A 199 3.59 19.28 6.58
CA LEU A 199 2.36 18.46 6.34
C LEU A 199 1.67 18.23 7.69
N VAL A 200 2.49 17.93 8.68
CA VAL A 200 2.07 17.58 10.06
C VAL A 200 1.59 18.84 10.81
N GLN A 201 2.23 19.99 10.59
CA GLN A 201 1.74 21.29 11.14
C GLN A 201 0.39 21.62 10.54
N LYS A 202 0.20 21.47 9.23
CA LYS A 202 -1.13 21.69 8.62
C LYS A 202 -2.17 20.78 9.27
N VAL A 203 -1.90 19.47 9.37
CA VAL A 203 -2.88 18.49 9.89
C VAL A 203 -3.31 18.94 11.29
N SER A 204 -2.37 19.43 12.11
CA SER A 204 -2.63 19.83 13.51
C SER A 204 -3.69 20.95 13.58
N GLY A 205 -3.77 21.80 12.57
CA GLY A 205 -4.63 23.00 12.52
C GLY A 205 -5.90 22.75 11.74
N LEU A 206 -6.04 21.57 11.14
CA LEU A 206 -7.18 21.28 10.24
C LEU A 206 -8.15 20.38 10.98
N PRO A 207 -9.42 20.42 10.60
CA PRO A 207 -10.42 19.56 11.23
C PRO A 207 -10.24 18.05 10.97
N MET A 208 -10.32 17.25 12.03
CA MET A 208 -10.38 15.78 11.93
C MET A 208 -11.77 15.38 11.41
N PHE A 209 -11.83 14.26 10.72
CA PHE A 209 -13.08 13.66 10.24
C PHE A 209 -13.93 13.19 11.43
N ALA A 210 -13.28 12.68 12.49
CA ALA A 210 -14.00 12.12 13.65
C ALA A 210 -13.07 12.02 14.84
N GLU A 211 -13.68 11.76 15.99
CA GLU A 211 -12.90 11.52 17.22
C GLU A 211 -12.12 10.22 16.99
N PRO A 212 -10.95 10.05 17.62
CA PRO A 212 -10.21 8.82 17.49
C PRO A 212 -10.92 7.56 18.00
N GLY A 213 -10.76 6.44 17.31
CA GLY A 213 -11.31 5.14 17.79
C GLY A 213 -12.74 4.87 17.42
N GLN A 214 -13.34 5.65 16.53
CA GLN A 214 -14.79 5.49 16.25
C GLN A 214 -15.01 4.65 15.03
N LEU A 215 -14.16 4.75 14.01
CA LEU A 215 -14.37 3.99 12.75
C LEU A 215 -13.06 3.89 11.97
N TRP A 216 -12.99 2.87 11.13
CA TRP A 216 -11.93 2.77 10.10
C TRP A 216 -12.29 3.69 8.94
N ARG A 217 -11.37 4.56 8.53
CA ARG A 217 -11.55 5.36 7.29
C ARG A 217 -10.16 5.70 6.75
N TYR A 218 -9.96 5.36 5.50
CA TYR A 218 -8.68 5.57 4.78
C TYR A 218 -8.30 7.05 4.93
N SER A 219 -7.05 7.33 5.29
CA SER A 219 -6.62 8.66 5.74
C SER A 219 -5.17 8.96 5.34
N VAL A 220 -4.69 10.10 5.77
CA VAL A 220 -3.25 10.49 5.69
C VAL A 220 -2.42 9.93 6.83
N ALA A 221 -2.92 8.96 7.58
CA ALA A 221 -2.19 8.39 8.74
C ALA A 221 -0.78 7.91 8.38
N ALA A 222 -0.57 7.22 7.26
CA ALA A 222 0.79 6.68 6.96
C ALA A 222 1.73 7.81 6.53
N ASP A 223 1.18 8.91 6.01
CA ASP A 223 2.02 10.10 5.69
C ASP A 223 2.48 10.72 6.99
N ILE A 224 1.62 10.72 8.04
CA ILE A 224 1.99 11.17 9.41
C ILE A 224 2.99 10.17 10.01
N GLN A 225 2.81 8.89 9.75
CA GLN A 225 3.79 7.88 10.22
C GLN A 225 5.19 8.22 9.65
N GLY A 226 5.28 8.61 8.39
CA GLY A 226 6.56 8.93 7.77
C GLY A 226 7.24 10.08 8.49
N TYR A 227 6.50 11.06 8.98
CA TYR A 227 7.11 12.14 9.78
C TYR A 227 7.70 11.59 11.08
N ILE A 228 6.97 10.70 11.74
CA ILE A 228 7.43 10.10 13.03
C ILE A 228 8.72 9.32 12.79
N VAL A 229 8.84 8.61 11.67
CA VAL A 229 10.11 7.92 11.31
C VAL A 229 11.24 8.95 11.28
N GLU A 230 11.03 10.06 10.57
CA GLU A 230 12.05 11.14 10.51
C GLU A 230 12.41 11.63 11.92
N LYS A 231 11.40 11.88 12.73
CA LYS A 231 11.63 12.50 14.06
C LYS A 231 12.31 11.50 14.99
N LEU A 232 11.90 10.24 15.00
CA LEU A 232 12.48 9.27 15.96
C LEU A 232 13.85 8.77 15.46
N SER A 233 14.06 8.62 14.16
CA SER A 233 15.30 8.03 13.60
C SER A 233 16.41 9.07 13.55
N GLY A 234 16.01 10.34 13.45
CA GLY A 234 16.85 11.50 13.13
C GLY A 234 17.32 11.45 11.70
N GLN A 235 16.74 10.59 10.85
CA GLN A 235 17.09 10.62 9.40
C GLN A 235 15.86 10.94 8.56
N SER A 236 16.06 11.46 7.36
CA SER A 236 14.98 11.62 6.38
C SER A 236 14.36 10.23 6.04
N LEU A 237 13.08 10.19 5.65
CA LEU A 237 12.34 8.95 5.41
C LEU A 237 13.03 8.17 4.29
N PRO A 238 13.40 8.79 3.16
CA PRO A 238 14.07 8.05 2.07
C PRO A 238 15.40 7.39 2.48
N VAL A 239 16.16 8.02 3.39
CA VAL A 239 17.48 7.49 3.87
C VAL A 239 17.23 6.33 4.81
N PHE A 240 16.32 6.49 5.77
CA PHE A 240 16.00 5.43 6.77
C PHE A 240 15.53 4.20 6.01
N MET A 241 14.63 4.39 5.05
CA MET A 241 14.08 3.20 4.34
C MET A 241 15.19 2.52 3.49
N GLN A 242 16.05 3.30 2.82
CA GLN A 242 17.19 2.75 2.01
C GLN A 242 18.09 1.93 2.94
N GLU A 243 18.44 2.46 4.11
CA GLU A 243 19.47 1.81 4.95
C GLU A 243 18.89 0.61 5.68
N ARG A 244 17.63 0.66 6.14
CA ARG A 244 17.10 -0.37 7.04
C ARG A 244 16.26 -1.39 6.27
N ILE A 245 15.77 -1.07 5.06
CA ILE A 245 14.89 -1.99 4.31
C ILE A 245 15.49 -2.29 2.94
N PHE A 246 15.59 -1.32 2.05
CA PHE A 246 15.86 -1.57 0.62
C PHE A 246 17.27 -2.18 0.41
N THR A 247 18.30 -1.68 1.09
CA THR A 247 19.70 -2.17 0.92
C THR A 247 19.79 -3.56 1.50
N PRO A 248 19.40 -3.78 2.77
CA PRO A 248 19.49 -5.10 3.37
C PRO A 248 18.67 -6.18 2.68
N LEU A 249 17.50 -5.84 2.10
CA LEU A 249 16.65 -6.84 1.39
C LEU A 249 17.01 -6.92 -0.09
N GLY A 250 17.93 -6.12 -0.61
CA GLY A 250 18.28 -6.17 -2.04
C GLY A 250 17.20 -5.61 -2.95
N MET A 251 16.42 -4.63 -2.48
CA MET A 251 15.41 -3.95 -3.32
C MET A 251 16.08 -2.78 -4.06
N LYS A 252 16.79 -3.07 -5.14
CA LYS A 252 17.63 -2.10 -5.90
C LYS A 252 16.89 -0.92 -6.55
N ASP A 253 15.68 -1.12 -7.05
CA ASP A 253 14.97 -0.05 -7.80
C ASP A 253 13.86 0.60 -6.95
N THR A 254 13.81 0.29 -5.67
CA THR A 254 12.73 0.83 -4.81
C THR A 254 13.16 2.17 -4.22
N ALA A 255 12.36 3.20 -4.43
CA ALA A 255 12.68 4.56 -3.96
C ALA A 255 11.48 5.49 -4.11
N PHE A 256 11.65 6.73 -3.70
CA PHE A 256 10.65 7.83 -3.83
C PHE A 256 10.82 8.57 -5.14
N TYR A 257 11.74 8.13 -6.02
CA TYR A 257 11.89 8.69 -7.40
C TYR A 257 12.66 7.68 -8.29
N VAL A 258 12.60 7.93 -9.60
CA VAL A 258 13.27 7.16 -10.68
C VAL A 258 14.41 8.03 -11.19
N PRO A 259 15.66 7.71 -10.82
CA PRO A 259 16.84 8.39 -11.38
C PRO A 259 16.85 8.33 -12.92
N GLU A 260 17.49 9.32 -13.55
CA GLU A 260 17.58 9.50 -15.04
C GLU A 260 17.93 8.17 -15.74
N GLU A 261 18.88 7.41 -15.20
CA GLU A 261 19.34 6.15 -15.85
C GLU A 261 18.27 5.06 -15.85
N LYS A 262 17.32 5.08 -14.92
CA LYS A 262 16.31 3.99 -14.80
C LYS A 262 14.99 4.42 -15.43
N GLN A 263 14.94 5.61 -15.98
CA GLN A 263 13.68 6.18 -16.54
C GLN A 263 13.16 5.34 -17.70
N ALA A 264 14.05 4.71 -18.46
CA ALA A 264 13.66 3.89 -19.63
C ALA A 264 12.96 2.59 -19.20
N ARG A 265 13.04 2.22 -17.93
CA ARG A 265 12.31 1.03 -17.42
C ARG A 265 11.00 1.43 -16.75
N LEU A 266 10.70 2.73 -16.69
CA LEU A 266 9.48 3.18 -15.99
C LEU A 266 8.25 2.92 -16.84
N ALA A 267 7.26 2.22 -16.29
CA ALA A 267 6.00 1.99 -17.01
C ALA A 267 5.18 3.29 -17.07
N ALA A 268 4.47 3.48 -18.16
CA ALA A 268 3.66 4.72 -18.33
C ALA A 268 2.30 4.54 -17.68
N LEU A 269 1.71 5.63 -17.19
CA LEU A 269 0.42 5.56 -16.45
C LEU A 269 -0.75 5.86 -17.37
N TYR A 270 -1.77 4.99 -17.39
CA TYR A 270 -2.90 5.16 -18.33
C TYR A 270 -4.24 5.27 -17.60
N ASP A 271 -5.21 5.87 -18.27
CA ASP A 271 -6.60 6.02 -17.78
C ASP A 271 -7.52 5.63 -18.95
N GLY A 272 -8.79 5.43 -18.67
CA GLY A 272 -9.76 5.13 -19.73
C GLY A 272 -10.41 6.40 -20.22
N ASP A 273 -10.49 6.57 -21.53
CA ASP A 273 -11.20 7.77 -22.08
C ASP A 273 -12.68 7.56 -21.77
N PRO A 274 -13.38 8.51 -21.11
CA PRO A 274 -14.81 8.36 -20.92
C PRO A 274 -15.45 8.38 -22.31
N ALA A 275 -16.38 7.46 -22.58
CA ALA A 275 -17.14 7.38 -23.86
C ALA A 275 -16.37 6.64 -24.96
N THR A 276 -15.12 6.25 -24.71
CA THR A 276 -14.37 5.43 -25.70
C THR A 276 -13.88 4.17 -24.99
N GLY A 277 -13.62 4.26 -23.69
CA GLY A 277 -13.05 3.13 -22.95
C GLY A 277 -11.72 2.71 -23.54
N GLN A 278 -10.90 3.67 -23.98
CA GLN A 278 -9.63 3.32 -24.64
C GLN A 278 -8.48 3.94 -23.86
N LEU A 279 -7.30 3.35 -23.94
CA LEU A 279 -6.19 3.83 -23.07
C LEU A 279 -5.76 5.24 -23.45
N VAL A 280 -5.61 6.11 -22.46
CA VAL A 280 -5.14 7.50 -22.69
C VAL A 280 -4.06 7.84 -21.65
N PRO A 281 -2.96 8.60 -21.91
CA PRO A 281 -2.07 9.05 -20.85
C PRO A 281 -2.90 9.67 -19.73
N ALA A 282 -2.58 9.34 -18.49
CA ALA A 282 -3.25 9.91 -17.30
C ALA A 282 -2.76 11.35 -17.10
N VAL A 283 -3.67 12.21 -16.66
CA VAL A 283 -3.32 13.62 -16.34
C VAL A 283 -3.53 13.74 -14.83
N GLU A 284 -2.45 13.83 -14.05
CA GLU A 284 -2.61 13.81 -12.58
C GLU A 284 -1.92 14.97 -11.83
N GLY A 285 -1.26 15.90 -12.51
CA GLY A 285 -0.61 16.97 -11.73
C GLY A 285 0.84 16.64 -11.44
N ALA A 286 1.70 17.64 -11.34
CA ALA A 286 3.14 17.36 -11.24
C ALA A 286 3.62 17.11 -9.81
N TRP A 287 2.73 17.28 -8.84
CA TRP A 287 3.15 16.94 -7.45
C TRP A 287 3.49 15.46 -7.36
N ARG A 288 2.80 14.62 -8.12
CA ARG A 288 2.99 13.15 -8.06
C ARG A 288 4.16 12.70 -8.94
N ASP A 289 4.84 13.63 -9.62
CA ASP A 289 5.92 13.27 -10.57
C ASP A 289 7.02 12.50 -9.84
N VAL A 290 7.51 11.42 -10.46
CA VAL A 290 8.53 10.53 -9.82
C VAL A 290 9.93 10.76 -10.43
N SER A 291 10.13 11.82 -11.20
CA SER A 291 11.44 12.09 -11.85
C SER A 291 12.43 12.73 -10.87
N LYS A 292 11.95 13.34 -9.78
CA LYS A 292 12.84 14.07 -8.83
C LYS A 292 12.58 13.62 -7.40
N PRO A 293 13.54 13.69 -6.46
CA PRO A 293 13.24 13.45 -5.05
C PRO A 293 12.14 14.36 -4.54
N PRO A 294 11.06 13.83 -3.90
CA PRO A 294 9.98 14.67 -3.38
C PRO A 294 10.48 15.52 -2.22
N ALA A 295 9.92 16.72 -2.08
CA ALA A 295 10.13 17.58 -0.89
C ALA A 295 9.53 16.93 0.38
N ALA A 296 8.33 16.34 0.24
CA ALA A 296 7.57 15.72 1.35
C ALA A 296 7.35 14.26 0.99
N PRO A 297 8.34 13.37 1.18
CA PRO A 297 8.13 11.98 0.81
C PRO A 297 6.96 11.36 1.61
N LEU A 298 6.02 10.73 0.90
CA LEU A 298 4.74 10.23 1.48
C LEU A 298 4.89 8.76 1.87
N GLY A 299 4.87 8.48 3.18
CA GLY A 299 4.90 7.10 3.66
C GLY A 299 3.64 6.34 3.31
N GLY A 300 2.59 7.03 2.87
CA GLY A 300 1.38 6.33 2.44
C GLY A 300 1.26 6.13 0.94
N GLY A 301 2.14 6.70 0.13
CA GLY A 301 1.91 6.58 -1.32
C GLY A 301 3.02 6.98 -2.26
N GLY A 302 4.23 7.23 -1.79
CA GLY A 302 5.27 7.80 -2.68
C GLY A 302 6.26 6.86 -3.33
N LEU A 303 6.25 5.58 -2.98
CA LEU A 303 7.30 4.67 -3.49
C LEU A 303 7.09 4.18 -4.92
N VAL A 304 8.20 3.97 -5.62
CA VAL A 304 8.16 3.29 -6.93
C VAL A 304 8.90 1.97 -6.64
N SER A 305 8.58 0.89 -7.35
CA SER A 305 9.22 -0.43 -7.12
C SER A 305 9.11 -1.33 -8.35
N THR A 306 9.67 -2.52 -8.25
CA THR A 306 9.57 -3.53 -9.33
C THR A 306 8.88 -4.74 -8.70
N ALA A 307 8.28 -5.58 -9.52
CA ALA A 307 7.63 -6.80 -9.00
C ALA A 307 8.66 -7.63 -8.23
N GLY A 308 9.88 -7.71 -8.74
CA GLY A 308 10.95 -8.46 -8.09
C GLY A 308 11.33 -7.88 -6.74
N ASP A 309 11.45 -6.56 -6.66
CA ASP A 309 11.75 -5.92 -5.34
C ASP A 309 10.61 -6.18 -4.36
N PHE A 310 9.38 -6.01 -4.82
CA PHE A 310 8.21 -6.19 -3.95
C PHE A 310 8.11 -7.66 -3.54
N ALA A 311 8.39 -8.60 -4.47
CA ALA A 311 8.43 -10.05 -4.17
C ALA A 311 9.42 -10.32 -3.04
N ARG A 312 10.60 -9.70 -3.05
CA ARG A 312 11.57 -9.88 -1.94
C ARG A 312 10.96 -9.40 -0.61
N PHE A 313 10.34 -8.22 -0.61
CA PHE A 313 9.67 -7.67 0.62
C PHE A 313 8.60 -8.67 1.09
N ALA A 314 7.80 -9.21 0.17
CA ALA A 314 6.71 -10.17 0.51
C ALA A 314 7.32 -11.45 1.07
N GLN A 315 8.45 -11.90 0.53
CA GLN A 315 9.08 -13.17 1.03
C GLN A 315 9.59 -12.92 2.43
N MET A 316 10.14 -11.74 2.69
CA MET A 316 10.64 -11.38 4.06
C MET A 316 9.49 -11.49 5.08
N ILE A 317 8.28 -11.06 4.71
CA ILE A 317 7.10 -11.19 5.61
C ILE A 317 6.75 -12.68 5.78
N LEU A 318 6.72 -13.48 4.72
CA LEU A 318 6.46 -14.93 4.87
C LEU A 318 7.52 -15.58 5.77
N ASN A 319 8.74 -15.07 5.78
CA ASN A 319 9.86 -15.68 6.54
C ASN A 319 9.90 -15.10 7.95
N LYS A 320 8.92 -14.27 8.30
CA LYS A 320 8.84 -13.63 9.63
C LYS A 320 10.04 -12.74 9.96
N GLY A 321 10.49 -11.90 9.02
CA GLY A 321 11.52 -10.89 9.32
C GLY A 321 12.88 -11.06 8.69
N GLU A 322 13.08 -12.10 7.88
CA GLU A 322 14.44 -12.35 7.34
C GLU A 322 14.42 -12.77 5.87
N LEU A 323 15.50 -12.45 5.14
CA LEU A 323 15.65 -12.93 3.75
C LEU A 323 17.14 -13.12 3.47
N ASP A 324 17.54 -14.29 2.99
CA ASP A 324 18.96 -14.54 2.58
C ASP A 324 19.94 -14.24 3.72
N GLY A 325 19.58 -14.60 4.96
CA GLY A 325 20.45 -14.41 6.11
C GLY A 325 20.39 -13.02 6.73
N VAL A 326 19.59 -12.13 6.17
CA VAL A 326 19.54 -10.73 6.68
C VAL A 326 18.22 -10.55 7.44
N ARG A 327 18.33 -10.27 8.75
CA ARG A 327 17.13 -10.07 9.60
C ARG A 327 16.87 -8.57 9.78
N ILE A 328 15.66 -8.13 9.44
CA ILE A 328 15.28 -6.70 9.63
C ILE A 328 14.23 -6.59 10.73
N LEU A 329 13.51 -7.68 11.01
CA LEU A 329 12.48 -7.67 12.07
C LEU A 329 12.45 -9.00 12.82
N LYS A 330 12.10 -8.95 14.09
CA LYS A 330 11.93 -10.20 14.87
C LYS A 330 10.63 -10.89 14.43
N PRO A 331 10.54 -12.22 14.52
CA PRO A 331 9.34 -12.94 14.11
C PRO A 331 8.08 -12.52 14.88
N GLU A 332 8.21 -12.23 16.16
CA GLU A 332 7.07 -11.75 16.98
C GLU A 332 6.55 -10.42 16.42
N THR A 333 7.45 -9.55 15.97
CA THR A 333 7.04 -8.23 15.41
C THR A 333 6.25 -8.45 14.14
N VAL A 334 6.71 -9.33 13.25
CA VAL A 334 5.91 -9.63 12.03
C VAL A 334 4.55 -10.23 12.42
N ALA A 335 4.51 -11.17 13.36
CA ALA A 335 3.25 -11.81 13.83
C ALA A 335 2.28 -10.73 14.33
N LEU A 336 2.77 -9.75 15.08
CA LEU A 336 1.93 -8.61 15.57
C LEU A 336 1.39 -7.74 14.42
N MET A 337 2.18 -7.49 13.38
CA MET A 337 1.76 -6.66 12.22
C MET A 337 0.62 -7.33 11.44
N THR A 338 0.64 -8.64 11.29
CA THR A 338 -0.27 -9.35 10.36
C THR A 338 -1.53 -9.85 11.08
N GLN A 339 -1.77 -9.42 12.31
CA GLN A 339 -3.03 -9.71 13.04
C GLN A 339 -4.00 -8.53 12.89
N ASN A 340 -5.28 -8.80 13.10
CA ASN A 340 -6.32 -7.73 13.11
C ASN A 340 -6.20 -6.93 14.41
N HIS A 341 -5.98 -5.63 14.31
CA HIS A 341 -5.89 -4.74 15.50
C HIS A 341 -7.17 -3.94 15.65
N LEU A 342 -8.19 -4.24 14.86
CA LEU A 342 -9.43 -3.44 14.88
C LEU A 342 -10.37 -3.88 16.01
N PRO A 343 -11.21 -3.00 16.65
CA PRO A 343 -12.19 -3.47 17.63
C PRO A 343 -13.22 -4.36 16.93
N GLU A 344 -13.91 -5.20 17.70
CA GLU A 344 -15.07 -5.95 17.15
C GLU A 344 -16.11 -4.92 16.72
N GLY A 345 -16.60 -5.00 15.47
CA GLY A 345 -17.60 -4.06 14.93
C GLY A 345 -17.17 -3.41 13.62
N PHE A 346 -15.86 -3.22 13.37
CA PHE A 346 -15.38 -2.24 12.35
C PHE A 346 -15.50 -2.80 10.93
N VAL A 347 -15.55 -1.90 9.91
CA VAL A 347 -15.79 -2.21 8.47
C VAL A 347 -14.65 -1.57 7.67
N VAL A 348 -13.81 -2.44 7.11
CA VAL A 348 -12.81 -2.13 6.03
C VAL A 348 -13.53 -2.19 4.69
N THR A 349 -13.61 -1.01 4.08
CA THR A 349 -14.61 -0.58 3.07
C THR A 349 -13.92 -0.60 1.69
N THR A 350 -12.59 -0.77 1.66
CA THR A 350 -11.76 -0.93 0.44
C THR A 350 -10.54 -1.83 0.74
N ASN A 351 -9.95 -2.37 -0.32
CA ASN A 351 -8.61 -3.03 -0.37
C ASN A 351 -7.75 -2.30 -1.42
N GLY A 352 -7.49 -1.00 -1.20
CA GLY A 352 -6.69 -0.13 -2.08
C GLY A 352 -7.35 1.22 -2.33
N ALA A 367 -15.65 -5.40 3.44
CA ALA A 367 -16.32 -6.68 3.13
C ALA A 367 -16.31 -7.58 4.38
N ALA A 368 -17.22 -8.54 4.47
CA ALA A 368 -17.36 -9.38 5.68
C ALA A 368 -16.10 -10.25 5.84
N GLY A 369 -15.72 -10.49 7.09
CA GLY A 369 -14.52 -11.29 7.43
C GLY A 369 -13.20 -10.54 7.22
N MET A 370 -13.22 -9.24 6.90
CA MET A 370 -12.02 -8.39 6.68
C MET A 370 -11.73 -7.53 7.92
N GLY A 371 -10.49 -7.52 8.40
CA GLY A 371 -9.97 -6.64 9.45
C GLY A 371 -8.75 -5.89 8.93
N TYR A 372 -7.93 -5.35 9.81
CA TYR A 372 -6.84 -4.46 9.41
C TYR A 372 -5.79 -4.56 10.47
N GLY A 373 -4.55 -4.86 10.05
CA GLY A 373 -3.42 -4.91 10.97
C GLY A 373 -2.63 -3.63 10.96
N ILE A 374 -1.31 -3.74 11.09
CA ILE A 374 -0.41 -2.56 11.05
C ILE A 374 -0.11 -2.26 9.58
N ASP A 375 -0.83 -1.31 9.00
CA ASP A 375 -0.59 -0.76 7.64
C ASP A 375 -0.87 -1.81 6.56
N MET A 376 -1.82 -2.71 6.81
CA MET A 376 -2.31 -3.65 5.78
C MET A 376 -3.67 -4.26 6.20
N ALA A 377 -4.46 -4.68 5.22
CA ALA A 377 -5.72 -5.42 5.41
C ALA A 377 -5.39 -6.86 5.84
N VAL A 378 -6.28 -7.48 6.63
CA VAL A 378 -6.12 -8.88 7.16
C VAL A 378 -7.42 -9.62 6.88
N ALA A 379 -7.37 -10.78 6.21
CA ALA A 379 -8.56 -11.61 5.98
C ALA A 379 -8.78 -12.48 7.21
N VAL A 380 -9.62 -12.03 8.15
CA VAL A 380 -9.87 -12.74 9.46
C VAL A 380 -10.67 -14.04 9.19
N ASP A 381 -11.66 -13.98 8.32
CA ASP A 381 -12.61 -15.07 8.06
C ASP A 381 -13.03 -14.99 6.61
N PRO A 382 -12.13 -15.34 5.66
CA PRO A 382 -12.42 -15.20 4.24
C PRO A 382 -13.66 -15.98 3.73
N ALA A 383 -13.97 -17.13 4.36
CA ALA A 383 -15.14 -17.98 4.01
C ALA A 383 -16.43 -17.15 4.10
N ALA A 384 -16.53 -16.27 5.10
CA ALA A 384 -17.70 -15.37 5.30
C ALA A 384 -18.01 -14.53 4.05
N SER A 385 -17.07 -14.34 3.12
CA SER A 385 -17.32 -13.65 1.81
C SER A 385 -17.07 -14.62 0.64
N GLY A 386 -16.88 -15.92 0.93
CA GLY A 386 -16.47 -16.98 -0.02
C GLY A 386 -15.14 -16.70 -0.71
N ALA A 387 -14.25 -15.93 -0.06
CA ALA A 387 -12.89 -15.61 -0.55
C ALA A 387 -12.01 -16.87 -0.44
N PRO A 388 -11.15 -17.11 -1.45
CA PRO A 388 -10.33 -18.32 -1.47
C PRO A 388 -9.03 -18.21 -0.65
N VAL A 389 -8.61 -17.01 -0.25
CA VAL A 389 -7.30 -16.88 0.48
C VAL A 389 -7.43 -17.55 1.82
N GLY A 390 -6.30 -17.95 2.41
CA GLY A 390 -6.27 -18.51 3.75
C GLY A 390 -6.51 -17.44 4.80
N PRO A 391 -7.10 -17.81 5.96
CA PRO A 391 -7.26 -16.86 7.06
C PRO A 391 -5.91 -16.29 7.49
N GLY A 392 -5.86 -14.98 7.79
CA GLY A 392 -4.60 -14.29 8.11
C GLY A 392 -3.91 -13.74 6.88
N THR A 393 -4.47 -13.90 5.69
CA THR A 393 -3.89 -13.31 4.47
C THR A 393 -3.86 -11.76 4.60
N VAL A 394 -2.70 -11.14 4.32
CA VAL A 394 -2.54 -9.65 4.33
C VAL A 394 -2.49 -9.14 2.88
N SER A 395 -2.99 -7.93 2.65
CA SER A 395 -3.10 -7.37 1.30
C SER A 395 -3.27 -5.86 1.31
N TRP A 396 -3.01 -5.29 0.16
CA TRP A 396 -3.29 -3.88 -0.15
C TRP A 396 -3.04 -3.74 -1.66
N GLY A 397 -3.33 -2.53 -2.13
CA GLY A 397 -3.18 -2.17 -3.54
C GLY A 397 -3.09 -0.66 -3.69
N GLY A 398 -2.73 -0.17 -4.86
CA GLY A 398 -2.55 1.27 -5.09
C GLY A 398 -3.48 1.81 -6.16
N SER A 399 -3.63 3.12 -6.24
CA SER A 399 -4.53 3.81 -7.20
C SER A 399 -4.11 3.58 -8.66
N ALA A 400 -2.84 3.27 -8.90
CA ALA A 400 -2.34 3.02 -10.27
C ALA A 400 -2.55 1.56 -10.67
N GLY A 401 -3.29 0.78 -9.87
CA GLY A 401 -3.67 -0.59 -10.30
C GLY A 401 -2.87 -1.72 -9.69
N THR A 402 -1.76 -1.43 -9.04
CA THR A 402 -0.88 -2.43 -8.40
C THR A 402 -1.63 -3.11 -7.24
N TRP A 403 -1.35 -4.40 -7.01
CA TRP A 403 -1.92 -5.19 -5.89
C TRP A 403 -0.98 -6.32 -5.44
N PHE A 404 -1.19 -6.83 -4.23
CA PHE A 404 -0.42 -7.96 -3.71
C PHE A 404 -1.29 -8.61 -2.64
N TRP A 405 -1.01 -9.86 -2.35
CA TRP A 405 -1.43 -10.49 -1.09
C TRP A 405 -0.34 -11.47 -0.64
N ILE A 406 -0.22 -11.63 0.68
CA ILE A 406 0.67 -12.61 1.32
C ILE A 406 -0.22 -13.52 2.16
N ASP A 407 -0.15 -14.83 1.94
CA ASP A 407 -1.00 -15.82 2.63
C ASP A 407 -0.10 -16.75 3.44
N PRO A 408 0.19 -16.39 4.69
CA PRO A 408 1.02 -17.24 5.55
C PRO A 408 0.50 -18.67 5.76
N ALA A 409 -0.82 -18.88 5.88
CA ALA A 409 -1.44 -20.23 6.05
C ALA A 409 -1.08 -21.09 4.83
N ASN A 410 -1.01 -20.55 3.62
CA ASN A 410 -0.68 -21.32 2.41
C ASN A 410 0.77 -21.09 1.95
N ASN A 411 1.57 -20.41 2.77
CA ASN A 411 2.99 -20.10 2.51
C ASN A 411 3.21 -19.56 1.10
N LEU A 412 2.36 -18.63 0.64
CA LEU A 412 2.49 -18.11 -0.74
C LEU A 412 2.23 -16.59 -0.82
N PHE A 413 2.64 -15.96 -1.93
CA PHE A 413 2.30 -14.55 -2.17
C PHE A 413 2.14 -14.36 -3.65
N PHE A 414 1.39 -13.31 -3.99
CA PHE A 414 1.17 -12.84 -5.37
C PHE A 414 1.43 -11.33 -5.42
N VAL A 415 2.26 -10.91 -6.38
CA VAL A 415 2.53 -9.50 -6.70
C VAL A 415 2.05 -9.23 -8.13
N GLY A 416 1.12 -8.29 -8.27
CA GLY A 416 0.66 -7.83 -9.59
C GLY A 416 1.01 -6.37 -9.84
N MET A 417 1.61 -6.06 -10.99
CA MET A 417 2.01 -4.69 -11.36
C MET A 417 1.42 -4.35 -12.71
N ILE A 418 0.59 -3.30 -12.71
CA ILE A 418 0.11 -2.55 -13.92
C ILE A 418 0.26 -1.02 -13.61
N GLN A 419 0.01 -0.13 -14.59
CA GLN A 419 -0.16 1.35 -14.37
C GLN A 419 -1.45 1.80 -15.08
N ARG A 420 -2.57 1.55 -14.41
CA ARG A 420 -3.90 1.86 -14.96
C ARG A 420 -4.75 2.37 -13.80
N LEU A 421 -5.24 3.60 -13.92
CA LEU A 421 -6.13 4.17 -12.89
C LEU A 421 -7.52 3.56 -13.02
N GLY A 422 -8.30 3.57 -11.95
CA GLY A 422 -9.71 3.14 -12.06
C GLY A 422 -10.04 1.78 -11.47
N GLY A 423 -11.09 1.16 -11.97
CA GLY A 423 -11.58 -0.14 -11.47
C GLY A 423 -10.82 -1.36 -12.02
N VAL A 424 -9.94 -1.20 -13.00
CA VAL A 424 -9.34 -2.39 -13.67
C VAL A 424 -8.46 -3.15 -12.66
N GLY A 425 -7.61 -2.45 -11.93
CA GLY A 425 -6.71 -3.05 -10.93
C GLY A 425 -7.46 -3.94 -9.96
N PRO A 426 -8.47 -3.40 -9.23
CA PRO A 426 -9.28 -4.20 -8.30
C PRO A 426 -10.01 -5.40 -8.94
N GLY A 427 -10.39 -5.32 -10.21
CA GLY A 427 -10.98 -6.46 -10.93
C GLY A 427 -9.95 -7.57 -11.15
N LEU A 428 -8.74 -7.20 -11.60
CA LEU A 428 -7.60 -8.12 -11.81
C LEU A 428 -7.21 -8.74 -10.47
N ASP A 429 -7.25 -8.00 -9.38
CA ASP A 429 -6.89 -8.54 -8.05
C ASP A 429 -7.82 -9.71 -7.74
N ALA A 430 -9.12 -9.47 -7.82
CA ALA A 430 -10.13 -10.50 -7.47
C ALA A 430 -10.00 -11.71 -8.41
N GLN A 431 -9.82 -11.46 -9.71
CA GLN A 431 -9.74 -12.52 -10.74
C GLN A 431 -8.44 -13.32 -10.56
N SER A 432 -7.32 -12.65 -10.21
CA SER A 432 -6.02 -13.33 -10.00
C SER A 432 -6.16 -14.22 -8.77
N ARG A 433 -6.85 -13.79 -7.72
CA ARG A 433 -7.06 -14.63 -6.50
C ARG A 433 -7.83 -15.90 -6.87
N THR A 434 -8.91 -15.77 -7.65
CA THR A 434 -9.76 -16.92 -8.09
C THR A 434 -8.91 -17.94 -8.87
N LEU A 435 -8.16 -17.49 -9.85
CA LEU A 435 -7.37 -18.33 -10.78
C LEU A 435 -6.17 -18.95 -10.04
N VAL A 436 -5.55 -18.25 -9.11
CA VAL A 436 -4.39 -18.80 -8.34
C VAL A 436 -4.89 -19.96 -7.47
N TYR A 437 -5.92 -19.74 -6.66
CA TYR A 437 -6.42 -20.77 -5.71
C TYR A 437 -7.10 -21.94 -6.48
N GLN A 438 -7.60 -21.72 -7.69
CA GLN A 438 -8.17 -22.81 -8.52
C GLN A 438 -7.03 -23.66 -9.11
N ALA A 439 -5.79 -23.15 -9.16
CA ALA A 439 -4.63 -23.88 -9.70
C ALA A 439 -3.89 -24.60 -8.58
N LEU A 440 -4.10 -24.20 -7.32
CA LEU A 440 -3.40 -24.75 -6.13
C LEU A 440 -4.01 -26.11 -5.71
N GLU A 441 -3.16 -27.12 -5.49
CA GLU A 441 -3.57 -28.49 -5.09
C GLU A 441 -2.98 -28.83 -3.73
N ARG A 442 -3.79 -28.78 -2.69
CA ARG A 442 -3.35 -29.06 -1.32
C ARG A 442 -3.87 -30.43 -0.91
N PRO A 443 -3.25 -31.02 0.13
CA PRO A 443 -3.85 -32.16 0.83
C PRO A 443 -5.09 -31.72 1.60
N PRO A 444 -6.13 -32.58 1.81
CA PRO A 444 -7.37 -32.17 2.50
C PRO A 444 -7.20 -31.57 3.91
S SO4 B . -3.03 6.50 -3.53
O1 SO4 B . -3.49 7.32 -4.60
O2 SO4 B . -1.71 6.92 -3.18
O3 SO4 B . -3.91 6.65 -2.41
O4 SO4 B . -3.02 5.13 -3.94
NA NA C . 8.55 -5.16 -12.49
C TRS D . -2.26 9.08 0.50
C1 TRS D . -2.25 7.61 0.67
C2 TRS D . -0.86 9.44 0.01
C3 TRS D . -3.25 9.51 -0.60
N TRS D . -2.64 9.68 1.91
O1 TRS D . -1.86 7.08 -0.56
O2 TRS D . 0.21 8.88 0.78
O3 TRS D . -4.50 8.81 -0.62
#